data_2J1T
#
_entry.id   2J1T
#
_cell.length_a   43.707
_cell.length_b   59.943
_cell.length_c   98.889
_cell.angle_alpha   90.00
_cell.angle_beta   90.00
_cell.angle_gamma   90.00
#
_symmetry.space_group_name_H-M   'P 21 21 21'
#
loop_
_entity.id
_entity.type
_entity.pdbx_description
1 polymer 'FUCOLECTIN-RELATED PROTEIN'
2 branched alpha-L-fucopyranose-(1-2)-beta-D-galactopyranose-(1-4)-[alpha-L-fucopyranose-(1-3)]2-acetamido-2-deoxy-beta-D-glucopyranose
3 non-polymer 'CALCIUM ION'
4 water water
#
_entity_poly.entity_id   1
_entity_poly.type   'polypeptide(L)'
_entity_poly.pdbx_seq_one_letter_code
;GSHMASTPDKFNDGNLNIAYAKPTTQSSVDYNGDPNRAVDGNRNGNFNSGSVTHTRADNPSWWEVDLKKMDKVGLVKIYN
RTDAETQRLSNFDVILYDNNRNEVAKKHVNNLSGESVSLDFKEKGARYIKVKLLTSGVPLSLAEVEVFRES
;
_entity_poly.pdbx_strand_id   A,B
#
# COMPACT_ATOMS: atom_id res chain seq x y z
N GLY A 14 18.96 16.19 12.54
CA GLY A 14 19.33 15.35 13.73
C GLY A 14 18.16 14.74 14.49
N ASN A 15 17.08 14.45 13.78
CA ASN A 15 15.97 13.70 14.36
C ASN A 15 15.72 12.46 13.53
N LEU A 16 15.08 11.47 14.16
CA LEU A 16 14.81 10.22 13.52
C LEU A 16 13.74 10.44 12.45
N ASN A 17 14.14 10.18 11.20
CA ASN A 17 13.23 10.20 10.05
C ASN A 17 12.64 8.79 9.92
N ILE A 18 11.43 8.63 10.42
CA ILE A 18 10.72 7.34 10.42
C ILE A 18 10.24 6.87 9.03
N ALA A 19 10.35 7.73 8.00
CA ALA A 19 10.04 7.33 6.64
C ALA A 19 11.24 6.66 5.95
N TYR A 20 12.47 6.93 6.39
CA TYR A 20 13.66 6.38 5.71
C TYR A 20 13.57 4.85 5.52
N ALA A 21 13.75 4.40 4.28
CA ALA A 21 13.74 3.02 3.91
C ALA A 21 12.45 2.23 4.18
N LYS A 22 11.34 2.90 4.43
CA LYS A 22 10.04 2.27 4.60
C LYS A 22 9.50 1.89 3.20
N PRO A 23 8.62 0.92 3.14
CA PRO A 23 7.99 0.58 1.87
C PRO A 23 7.25 1.80 1.31
N THR A 24 7.36 2.00 0.01
CA THR A 24 6.66 3.07 -0.70
C THR A 24 5.95 2.51 -1.94
N THR A 25 4.95 3.28 -2.36
CA THR A 25 4.27 3.04 -3.61
C THR A 25 3.99 4.35 -4.29
N GLN A 26 3.65 4.27 -5.57
CA GLN A 26 3.16 5.45 -6.22
C GLN A 26 2.23 5.04 -7.38
N SER A 27 1.62 6.04 -8.02
CA SER A 27 0.59 5.74 -9.01
C SER A 27 1.03 4.99 -10.23
N SER A 28 2.26 5.24 -10.65
CA SER A 28 2.96 4.54 -11.74
C SER A 28 4.42 4.94 -11.69
N VAL A 29 5.25 4.41 -12.62
CA VAL A 29 6.66 4.79 -12.65
C VAL A 29 6.98 5.19 -14.06
N ASP A 30 7.74 6.27 -14.20
CA ASP A 30 8.32 6.67 -15.49
C ASP A 30 9.78 7.04 -15.25
N TYR A 31 10.62 6.87 -16.27
CA TYR A 31 12.02 7.24 -16.24
C TYR A 31 12.80 6.59 -15.10
N ASN A 32 12.34 5.39 -14.70
CA ASN A 32 12.93 4.62 -13.61
C ASN A 32 12.87 5.35 -12.29
N GLY A 33 11.95 6.31 -12.17
CA GLY A 33 11.78 7.08 -10.93
C GLY A 33 10.97 6.35 -9.87
N ASP A 34 11.50 5.24 -9.40
CA ASP A 34 10.78 4.37 -8.47
C ASP A 34 10.52 5.11 -7.15
N PRO A 35 9.46 4.72 -6.45
CA PRO A 35 9.03 5.50 -5.28
C PRO A 35 9.97 5.45 -4.11
N ASN A 36 10.80 4.40 -4.05
CA ASN A 36 11.78 4.35 -2.94
C ASN A 36 12.84 5.43 -3.00
N ARG A 37 12.95 6.13 -4.12
CA ARG A 37 13.92 7.23 -4.19
C ARG A 37 13.60 8.40 -3.27
N ALA A 38 12.34 8.51 -2.81
CA ALA A 38 11.98 9.57 -1.89
C ALA A 38 12.23 9.22 -0.45
N VAL A 39 12.71 7.99 -0.18
CA VAL A 39 13.07 7.60 1.17
C VAL A 39 14.47 6.98 1.20
N ASP A 40 15.32 7.46 0.29
CA ASP A 40 16.66 6.91 0.21
C ASP A 40 17.74 7.64 0.98
N GLY A 41 17.35 8.61 1.79
CA GLY A 41 18.26 9.40 2.65
C GLY A 41 18.90 10.50 1.85
N ASN A 42 18.51 10.71 0.60
CA ASN A 42 19.23 11.65 -0.28
C ASN A 42 18.27 12.74 -0.70
N ARG A 43 18.56 13.96 -0.28
CA ARG A 43 17.71 15.11 -0.61
C ARG A 43 17.98 15.73 -1.99
N ASN A 44 19.00 15.24 -2.69
CA ASN A 44 19.39 15.81 -3.98
C ASN A 44 18.16 15.80 -4.89
N GLY A 45 17.82 16.97 -5.44
CA GLY A 45 16.66 17.14 -6.29
C GLY A 45 16.93 17.11 -7.76
N ASN A 46 18.18 16.83 -8.16
CA ASN A 46 18.49 16.71 -9.58
C ASN A 46 18.03 15.34 -10.04
N PHE A 47 17.07 15.32 -10.97
CA PHE A 47 16.52 14.07 -11.39
C PHE A 47 17.60 13.13 -11.90
N ASN A 48 18.62 13.67 -12.53
CA ASN A 48 19.67 12.81 -13.07
C ASN A 48 20.62 12.16 -12.06
N SER A 49 20.50 12.58 -10.80
CA SER A 49 21.22 12.06 -9.62
C SER A 49 20.72 10.69 -9.18
N GLY A 50 19.51 10.33 -9.62
CA GLY A 50 18.88 9.11 -9.18
C GLY A 50 18.12 9.12 -7.89
N SER A 51 18.04 10.30 -7.28
CA SER A 51 17.46 10.56 -5.95
CA SER A 51 17.37 10.30 -6.00
C SER A 51 15.98 10.86 -5.99
N VAL A 52 15.41 11.03 -7.18
CA VAL A 52 14.10 11.68 -7.34
C VAL A 52 13.12 10.70 -7.98
N THR A 53 11.90 10.63 -7.45
CA THR A 53 10.86 9.79 -8.02
C THR A 53 10.28 10.42 -9.27
N HIS A 54 9.46 9.64 -9.97
CA HIS A 54 8.75 10.11 -11.17
C HIS A 54 7.65 9.13 -11.53
N THR A 55 6.44 9.63 -11.55
CA THR A 55 5.31 8.82 -12.05
C THR A 55 5.05 9.18 -13.52
N ARG A 56 4.18 8.42 -14.17
CA ARG A 56 3.61 8.88 -15.43
C ARG A 56 2.62 10.02 -15.15
N ALA A 57 1.99 10.53 -16.22
CA ALA A 57 1.01 11.61 -16.07
C ALA A 57 -0.37 11.02 -15.76
N ASP A 58 -0.58 10.73 -14.49
CA ASP A 58 -1.73 9.98 -14.01
C ASP A 58 -2.93 10.85 -13.65
N ASN A 59 -3.98 10.18 -13.20
CA ASN A 59 -5.26 10.82 -12.97
C ASN A 59 -5.79 10.58 -11.57
N PRO A 60 -5.23 11.22 -10.57
CA PRO A 60 -4.01 12.03 -10.61
C PRO A 60 -2.81 11.24 -10.14
N SER A 61 -1.65 11.86 -10.27
CA SER A 61 -0.40 11.27 -9.76
C SER A 61 -0.34 11.34 -8.25
N TRP A 62 0.24 10.31 -7.65
CA TRP A 62 0.39 10.26 -6.19
C TRP A 62 1.51 9.35 -5.79
N TRP A 63 1.95 9.54 -4.55
CA TRP A 63 3.06 8.78 -3.94
C TRP A 63 2.72 8.55 -2.47
N GLU A 64 3.13 7.43 -1.92
CA GLU A 64 2.81 7.15 -0.52
C GLU A 64 3.92 6.35 0.16
N VAL A 65 4.13 6.66 1.45
CA VAL A 65 4.97 5.84 2.32
C VAL A 65 4.12 5.15 3.38
N ASP A 66 4.49 3.90 3.65
CA ASP A 66 3.85 3.04 4.64
C ASP A 66 4.84 2.81 5.78
N LEU A 67 4.49 3.36 6.94
CA LEU A 67 5.35 3.24 8.11
C LEU A 67 5.39 1.86 8.72
N LYS A 68 4.49 0.99 8.25
CA LYS A 68 4.27 -0.42 8.65
C LYS A 68 3.42 -0.57 9.93
N LYS A 69 3.51 0.41 10.80
CA LYS A 69 2.73 0.52 12.04
C LYS A 69 2.27 1.99 12.21
N MET A 70 1.21 2.19 12.95
CA MET A 70 0.83 3.52 13.40
C MET A 70 1.94 4.18 14.23
N ASP A 71 2.19 5.45 13.98
CA ASP A 71 3.11 6.24 14.77
C ASP A 71 2.53 7.65 14.88
N LYS A 72 3.05 8.48 15.77
CA LYS A 72 2.51 9.83 16.01
C LYS A 72 3.37 10.74 15.17
N VAL A 73 2.77 11.31 14.12
CA VAL A 73 3.45 12.15 13.13
C VAL A 73 3.42 13.62 13.51
N GLY A 74 4.62 14.23 13.51
CA GLY A 74 4.80 15.66 13.71
C GLY A 74 5.14 16.31 12.37
N LEU A 75 6.40 16.69 12.21
CA LEU A 75 6.84 17.35 11.00
C LEU A 75 6.94 16.39 9.81
N VAL A 76 6.46 16.83 8.67
CA VAL A 76 6.69 16.19 7.40
C VAL A 76 7.33 17.21 6.49
N LYS A 77 8.45 16.81 5.90
CA LYS A 77 9.25 17.73 5.07
C LYS A 77 9.40 17.08 3.70
N ILE A 78 8.97 17.83 2.70
CA ILE A 78 8.92 17.35 1.35
C ILE A 78 9.85 18.17 0.52
N TYR A 79 10.76 17.49 -0.19
CA TYR A 79 11.82 18.13 -0.98
C TYR A 79 11.48 17.90 -2.46
N ASN A 80 11.44 19.01 -3.21
CA ASN A 80 11.05 18.96 -4.59
C ASN A 80 12.21 18.56 -5.49
N ARG A 81 11.85 18.10 -6.68
CA ARG A 81 12.73 18.18 -7.81
C ARG A 81 13.27 19.64 -7.96
N THR A 82 14.53 19.77 -8.38
CA THR A 82 15.20 21.08 -8.48
C THR A 82 15.83 21.37 -9.83
N ASP A 83 16.11 20.35 -10.63
CA ASP A 83 16.82 20.63 -11.90
C ASP A 83 15.89 21.15 -12.99
N ALA A 84 14.63 20.73 -12.97
CA ALA A 84 13.66 21.13 -13.99
C ALA A 84 12.23 20.89 -13.46
N GLU A 85 11.25 21.48 -14.13
CA GLU A 85 9.83 21.18 -13.93
C GLU A 85 9.39 21.35 -12.47
N THR A 86 9.97 22.32 -11.78
CA THR A 86 9.72 22.46 -10.34
C THR A 86 8.30 22.85 -10.02
N GLN A 87 7.58 23.42 -11.00
CA GLN A 87 6.23 23.84 -10.81
C GLN A 87 5.27 22.67 -10.70
N ARG A 88 5.71 21.46 -11.09
CA ARG A 88 4.79 20.31 -11.05
C ARG A 88 4.36 20.04 -9.61
N LEU A 89 5.23 20.33 -8.63
CA LEU A 89 4.86 20.11 -7.24
C LEU A 89 4.13 21.33 -6.70
N SER A 90 2.86 21.40 -7.08
CA SER A 90 1.97 22.51 -6.73
C SER A 90 0.58 21.93 -6.66
N ASN A 91 -0.35 22.63 -5.99
CA ASN A 91 -1.77 22.24 -5.94
C ASN A 91 -1.87 20.78 -5.51
N PHE A 92 -1.37 20.46 -4.33
CA PHE A 92 -1.37 19.07 -3.89
C PHE A 92 -1.77 18.93 -2.46
N ASP A 93 -2.26 17.73 -2.15
CA ASP A 93 -2.58 17.35 -0.77
C ASP A 93 -1.57 16.41 -0.15
N VAL A 94 -1.37 16.57 1.16
CA VAL A 94 -0.56 15.63 1.95
C VAL A 94 -1.51 15.08 2.99
N ILE A 95 -1.71 13.74 2.91
CA ILE A 95 -2.81 13.09 3.62
C ILE A 95 -2.30 11.98 4.50
N LEU A 96 -2.78 11.93 5.74
CA LEU A 96 -2.41 10.92 6.67
C LEU A 96 -3.56 9.92 6.78
N TYR A 97 -3.22 8.62 6.75
CA TYR A 97 -4.21 7.56 6.90
C TYR A 97 -3.82 6.61 8.02
N ASP A 98 -4.83 6.08 8.73
CA ASP A 98 -4.57 5.15 9.80
C ASP A 98 -4.46 3.71 9.26
N ASN A 99 -4.45 2.73 10.16
CA ASN A 99 -4.17 1.33 9.81
C ASN A 99 -5.25 0.71 8.92
N ASN A 100 -6.42 1.36 8.85
CA ASN A 100 -7.52 0.90 8.02
C ASN A 100 -7.77 1.81 6.83
N ARG A 101 -6.79 2.66 6.56
CA ARG A 101 -6.86 3.69 5.51
C ARG A 101 -8.03 4.68 5.65
N ASN A 102 -8.41 4.98 6.90
CA ASN A 102 -9.29 6.10 7.14
C ASN A 102 -8.42 7.34 7.11
N GLU A 103 -8.95 8.41 6.51
CA GLU A 103 -8.25 9.69 6.47
C GLU A 103 -8.27 10.31 7.83
N VAL A 104 -7.09 10.59 8.37
CA VAL A 104 -7.02 11.18 9.70
C VAL A 104 -6.64 12.67 9.72
N ALA A 105 -5.96 13.16 8.67
CA ALA A 105 -5.60 14.58 8.55
C ALA A 105 -5.17 14.84 7.14
N LYS A 106 -5.32 16.07 6.70
CA LYS A 106 -4.96 16.45 5.35
C LYS A 106 -4.51 17.87 5.38
N LYS A 107 -3.45 18.20 4.68
CA LYS A 107 -3.13 19.58 4.41
C LYS A 107 -3.01 19.81 2.92
N HIS A 108 -3.40 20.99 2.48
CA HIS A 108 -3.19 21.38 1.10
C HIS A 108 -2.03 22.33 0.94
N VAL A 109 -1.22 22.09 -0.08
CA VAL A 109 -0.11 22.99 -0.42
C VAL A 109 -0.32 23.53 -1.82
N ASN A 110 -0.33 24.84 -1.97
CA ASN A 110 -0.56 25.44 -3.25
C ASN A 110 0.67 25.42 -4.14
N ASN A 111 1.79 25.83 -3.56
CA ASN A 111 3.11 25.82 -4.19
C ASN A 111 4.19 25.99 -3.17
N LEU A 112 5.41 25.87 -3.65
CA LEU A 112 6.59 25.98 -2.82
C LEU A 112 7.26 27.30 -3.19
N SER A 113 7.69 28.03 -2.20
CA SER A 113 8.49 29.23 -2.50
C SER A 113 10.01 28.88 -2.64
N GLY A 114 10.49 27.87 -1.89
CA GLY A 114 11.82 27.30 -2.05
C GLY A 114 11.80 25.81 -2.51
N GLU A 115 12.89 25.11 -2.20
CA GLU A 115 13.16 23.74 -2.60
C GLU A 115 12.41 22.70 -1.77
N SER A 116 11.79 23.13 -0.66
CA SER A 116 11.02 22.21 0.18
C SER A 116 9.86 22.88 0.84
N VAL A 117 9.01 22.08 1.46
CA VAL A 117 7.93 22.59 2.32
C VAL A 117 7.86 21.73 3.55
N SER A 118 7.56 22.33 4.69
CA SER A 118 7.51 21.66 5.96
CA SER A 118 7.52 21.65 5.97
C SER A 118 6.09 21.82 6.49
N LEU A 119 5.50 20.72 6.95
CA LEU A 119 4.14 20.70 7.43
C LEU A 119 4.20 20.08 8.80
N ASP A 120 3.37 20.56 9.72
CA ASP A 120 3.37 20.03 11.08
C ASP A 120 1.99 19.38 11.35
N PHE A 121 1.96 18.05 11.51
CA PHE A 121 0.70 17.39 11.76
C PHE A 121 0.38 17.23 13.25
N LYS A 122 1.22 17.80 14.11
CA LYS A 122 0.91 17.96 15.55
C LYS A 122 0.55 16.67 16.30
N GLU A 123 1.31 15.63 16.08
CA GLU A 123 1.17 14.35 16.81
C GLU A 123 0.08 13.37 16.33
N LYS A 124 -0.48 13.58 15.16
CA LYS A 124 -1.57 12.77 14.65
C LYS A 124 -1.09 11.34 14.39
N GLY A 125 -1.85 10.36 14.86
CA GLY A 125 -1.53 8.97 14.65
C GLY A 125 -1.86 8.51 13.24
N ALA A 126 -0.86 7.95 12.57
CA ALA A 126 -1.03 7.51 11.18
C ALA A 126 -0.04 6.40 10.80
N ARG A 127 -0.40 5.61 9.80
CA ARG A 127 0.47 4.60 9.22
C ARG A 127 0.98 5.02 7.84
N TYR A 128 0.16 5.72 7.06
CA TYR A 128 0.49 6.06 5.68
C TYR A 128 0.50 7.57 5.54
N ILE A 129 1.46 8.07 4.76
CA ILE A 129 1.53 9.46 4.35
C ILE A 129 1.57 9.47 2.84
N LYS A 130 0.54 10.07 2.27
CA LYS A 130 0.35 10.18 0.84
C LYS A 130 0.45 11.62 0.37
N VAL A 131 1.19 11.80 -0.73
CA VAL A 131 1.30 13.08 -1.41
C VAL A 131 0.56 12.89 -2.77
N LYS A 132 -0.41 13.72 -3.01
CA LYS A 132 -1.30 13.58 -4.13
C LYS A 132 -1.46 14.89 -4.88
N LEU A 133 -1.08 14.92 -6.15
CA LEU A 133 -1.34 16.08 -6.99
C LEU A 133 -2.84 16.17 -7.21
N LEU A 134 -3.39 17.38 -7.27
CA LEU A 134 -4.78 17.53 -7.56
C LEU A 134 -5.00 17.91 -9.00
N THR A 135 -3.92 18.28 -9.70
CA THR A 135 -3.98 18.43 -11.13
C THR A 135 -3.57 17.15 -11.81
N SER A 136 -4.53 16.52 -12.46
CA SER A 136 -4.27 15.32 -13.23
C SER A 136 -3.43 15.66 -14.46
N GLY A 137 -2.77 14.63 -14.97
CA GLY A 137 -1.95 14.69 -16.17
C GLY A 137 -0.62 15.36 -15.97
N VAL A 138 -0.16 15.38 -14.71
CA VAL A 138 1.12 15.95 -14.31
C VAL A 138 1.92 14.87 -13.58
N PRO A 139 3.13 14.55 -14.04
CA PRO A 139 3.96 13.61 -13.23
C PRO A 139 4.30 14.18 -11.85
N LEU A 140 4.27 13.30 -10.85
CA LEU A 140 4.75 13.60 -9.51
C LEU A 140 6.19 13.11 -9.30
N SER A 141 7.06 14.06 -8.98
CA SER A 141 8.45 13.80 -8.69
C SER A 141 8.82 14.42 -7.36
N LEU A 142 9.32 13.60 -6.45
CA LEU A 142 9.76 14.05 -5.13
C LEU A 142 11.23 13.64 -4.93
N ALA A 143 12.06 14.61 -4.50
CA ALA A 143 13.42 14.31 -4.14
C ALA A 143 13.52 13.47 -2.86
N GLU A 144 12.68 13.80 -1.88
CA GLU A 144 12.73 13.10 -0.60
C GLU A 144 11.49 13.54 0.21
N VAL A 145 10.94 12.60 0.96
CA VAL A 145 9.91 12.88 1.97
C VAL A 145 10.41 12.36 3.30
N GLU A 146 10.57 13.26 4.27
CA GLU A 146 11.04 12.89 5.58
C GLU A 146 9.93 13.10 6.57
N VAL A 147 9.81 12.17 7.51
CA VAL A 147 8.67 12.16 8.43
C VAL A 147 9.28 11.99 9.82
N PHE A 148 8.80 12.81 10.74
CA PHE A 148 9.33 12.81 12.13
C PHE A 148 8.19 12.66 13.10
N ARG A 149 8.55 12.12 14.28
CA ARG A 149 7.63 11.91 15.38
C ARG A 149 7.29 13.22 16.12
N ASN B 15 -4.37 -20.38 -15.06
CA ASN B 15 -3.47 -19.70 -16.04
C ASN B 15 -2.38 -18.92 -15.28
N LEU B 16 -2.12 -17.67 -15.63
CA LEU B 16 -0.97 -16.99 -15.03
C LEU B 16 -1.46 -16.38 -13.71
N ASN B 17 -0.91 -16.85 -12.60
CA ASN B 17 -1.17 -16.24 -11.29
C ASN B 17 -0.44 -14.88 -11.21
N ILE B 18 -1.17 -13.78 -11.40
CA ILE B 18 -0.54 -12.44 -11.44
C ILE B 18 -0.29 -11.86 -10.05
N ALA B 19 -0.75 -12.56 -9.02
CA ALA B 19 -0.43 -12.18 -7.66
C ALA B 19 0.91 -12.68 -7.14
N TYR B 20 1.44 -13.73 -7.77
CA TYR B 20 2.69 -14.37 -7.31
C TYR B 20 3.82 -13.32 -7.26
N ALA B 21 4.49 -13.27 -6.11
CA ALA B 21 5.65 -12.42 -5.88
C ALA B 21 5.37 -10.91 -5.97
N LYS B 22 4.09 -10.50 -5.95
CA LYS B 22 3.71 -9.09 -5.95
C LYS B 22 3.88 -8.49 -4.56
N PRO B 23 4.03 -7.16 -4.46
CA PRO B 23 4.09 -6.52 -3.14
C PRO B 23 2.80 -6.77 -2.33
N THR B 24 2.97 -7.06 -1.03
CA THR B 24 1.80 -7.29 -0.14
C THR B 24 2.04 -6.55 1.16
N THR B 25 0.93 -6.25 1.85
CA THR B 25 0.95 -5.70 3.18
C THR B 25 -0.16 -6.37 3.98
N GLN B 26 -0.12 -6.20 5.29
CA GLN B 26 -1.22 -6.62 6.12
C GLN B 26 -1.30 -5.73 7.37
N SER B 27 -2.27 -5.98 8.22
CA SER B 27 -2.61 -5.05 9.29
C SER B 27 -1.51 -5.00 10.35
N SER B 28 -0.82 -6.14 10.51
CA SER B 28 0.31 -6.31 11.43
C SER B 28 0.92 -7.68 11.21
N VAL B 29 2.01 -7.96 11.88
CA VAL B 29 2.65 -9.25 11.77
C VAL B 29 2.80 -9.85 13.16
N ASP B 30 2.49 -11.14 13.26
CA ASP B 30 2.78 -11.96 14.44
C ASP B 30 3.37 -13.31 13.97
N TYR B 31 4.13 -13.95 14.85
CA TYR B 31 4.73 -15.28 14.59
C TYR B 31 5.56 -15.29 13.27
N ASN B 32 6.15 -14.13 12.95
CA ASN B 32 6.90 -13.93 11.70
C ASN B 32 6.10 -14.24 10.45
N GLY B 33 4.76 -14.22 10.53
CA GLY B 33 3.89 -14.57 9.39
C GLY B 33 3.71 -13.41 8.41
N ASP B 34 4.81 -13.05 7.76
CA ASP B 34 4.85 -11.89 6.87
C ASP B 34 3.86 -12.06 5.69
N PRO B 35 3.28 -10.94 5.20
CA PRO B 35 2.25 -11.02 4.15
C PRO B 35 2.71 -11.61 2.85
N ASN B 36 4.02 -11.54 2.55
CA ASN B 36 4.57 -12.21 1.36
C ASN B 36 4.38 -13.72 1.33
N ARG B 37 4.08 -14.33 2.48
CA ARG B 37 3.86 -15.74 2.46
C ARG B 37 2.61 -16.16 1.67
N ALA B 38 1.61 -15.28 1.50
CA ALA B 38 0.42 -15.56 0.70
C ALA B 38 0.59 -15.41 -0.81
N VAL B 39 1.75 -14.94 -1.24
CA VAL B 39 2.09 -14.86 -2.67
C VAL B 39 3.41 -15.55 -3.01
N ASP B 40 3.75 -16.58 -2.21
CA ASP B 40 5.03 -17.31 -2.41
C ASP B 40 4.97 -18.51 -3.31
N GLY B 41 3.81 -18.73 -3.91
CA GLY B 41 3.61 -19.85 -4.82
C GLY B 41 3.37 -21.19 -4.13
N ASN B 42 3.33 -21.18 -2.81
CA ASN B 42 3.15 -22.39 -2.01
C ASN B 42 1.78 -22.34 -1.32
N ARG B 43 0.91 -23.28 -1.67
CA ARG B 43 -0.44 -23.34 -1.10
C ARG B 43 -0.52 -24.12 0.20
N ASN B 44 0.61 -24.65 0.69
CA ASN B 44 0.66 -25.33 2.00
C ASN B 44 0.01 -24.48 3.09
N GLY B 45 -0.97 -25.07 3.78
CA GLY B 45 -1.67 -24.45 4.90
C GLY B 45 -1.19 -24.69 6.31
N ASN B 46 -0.18 -25.53 6.47
CA ASN B 46 0.43 -25.76 7.76
C ASN B 46 1.30 -24.59 8.15
N PHE B 47 0.93 -23.89 9.24
CA PHE B 47 1.70 -22.73 9.67
C PHE B 47 3.17 -23.01 9.78
N ASN B 48 3.54 -24.15 10.35
CA ASN B 48 4.96 -24.45 10.53
C ASN B 48 5.80 -24.64 9.26
N SER B 49 5.16 -24.75 8.09
CA SER B 49 5.87 -24.76 6.80
C SER B 49 6.53 -23.43 6.42
N GLY B 50 6.02 -22.34 6.99
CA GLY B 50 6.50 -21.01 6.67
C GLY B 50 5.73 -20.41 5.48
N SER B 51 4.69 -21.06 4.99
CA SER B 51 3.97 -20.55 3.81
C SER B 51 2.68 -19.80 4.13
N VAL B 52 2.42 -19.58 5.39
CA VAL B 52 1.14 -19.05 5.88
C VAL B 52 1.34 -17.70 6.61
N THR B 53 0.53 -16.70 6.29
CA THR B 53 0.66 -15.39 6.93
C THR B 53 0.04 -15.39 8.33
N HIS B 54 0.28 -14.35 9.09
CA HIS B 54 -0.34 -14.17 10.41
C HIS B 54 -0.24 -12.74 10.85
N THR B 55 -1.39 -12.14 11.21
CA THR B 55 -1.41 -10.85 11.85
C THR B 55 -1.60 -11.03 13.34
N ARG B 56 -1.50 -9.91 14.04
CA ARG B 56 -2.01 -9.82 15.39
C ARG B 56 -3.55 -9.83 15.37
N ALA B 57 -4.15 -9.69 16.56
CA ALA B 57 -5.60 -9.65 16.69
C ALA B 57 -6.09 -8.22 16.48
N ASP B 58 -6.23 -7.81 15.23
CA ASP B 58 -6.41 -6.42 14.89
C ASP B 58 -7.86 -6.02 14.80
N ASN B 59 -8.12 -4.76 14.45
CA ASN B 59 -9.45 -4.16 14.55
C ASN B 59 -9.81 -3.45 13.25
N PRO B 60 -10.06 -4.20 12.17
CA PRO B 60 -9.93 -5.64 12.07
C PRO B 60 -8.64 -6.04 11.33
N SER B 61 -8.37 -7.33 11.32
CA SER B 61 -7.25 -7.89 10.56
C SER B 61 -7.54 -7.90 9.06
N TRP B 62 -6.51 -7.65 8.27
CA TRP B 62 -6.64 -7.61 6.82
C TRP B 62 -5.26 -7.84 6.18
N TRP B 63 -5.33 -8.15 4.91
CA TRP B 63 -4.18 -8.46 4.05
C TRP B 63 -4.48 -7.91 2.67
N GLU B 64 -3.46 -7.48 1.92
CA GLU B 64 -3.69 -6.88 0.59
C GLU B 64 -2.49 -7.18 -0.32
N VAL B 65 -2.80 -7.42 -1.57
CA VAL B 65 -1.79 -7.50 -2.64
C VAL B 65 -1.98 -6.31 -3.60
N ASP B 66 -0.85 -5.81 -4.06
CA ASP B 66 -0.76 -4.72 -5.04
C ASP B 66 -0.28 -5.29 -6.35
N LEU B 67 -1.13 -5.29 -7.37
CA LEU B 67 -0.74 -5.79 -8.68
C LEU B 67 0.21 -4.84 -9.44
N LYS B 68 0.44 -3.67 -8.87
CA LYS B 68 1.36 -2.61 -9.32
C LYS B 68 0.78 -1.70 -10.41
N LYS B 69 -0.24 -2.16 -11.11
CA LYS B 69 -0.99 -1.36 -12.05
C LYS B 69 -2.41 -1.91 -12.15
N MET B 70 -3.28 -1.17 -12.81
CA MET B 70 -4.62 -1.67 -13.10
C MET B 70 -4.48 -2.91 -13.99
N ASP B 71 -5.17 -3.97 -13.57
CA ASP B 71 -5.16 -5.18 -14.31
C ASP B 71 -6.59 -5.69 -14.31
N LYS B 72 -6.82 -6.85 -14.92
CA LYS B 72 -8.17 -7.42 -14.96
C LYS B 72 -8.21 -8.59 -14.04
N VAL B 73 -9.24 -8.65 -13.20
CA VAL B 73 -9.32 -9.69 -12.18
C VAL B 73 -10.49 -10.64 -12.46
N GLY B 74 -10.15 -11.87 -12.78
CA GLY B 74 -11.13 -12.93 -12.98
C GLY B 74 -11.22 -13.73 -11.69
N LEU B 75 -10.67 -14.94 -11.74
CA LEU B 75 -10.71 -15.82 -10.59
C LEU B 75 -9.72 -15.38 -9.48
N VAL B 76 -10.23 -15.32 -8.25
CA VAL B 76 -9.39 -15.12 -7.08
C VAL B 76 -9.59 -16.33 -6.19
N LYS B 77 -8.51 -17.01 -5.82
CA LYS B 77 -8.53 -18.21 -4.98
C LYS B 77 -7.80 -17.92 -3.67
N ILE B 78 -8.50 -18.13 -2.57
CA ILE B 78 -8.07 -17.81 -1.23
C ILE B 78 -7.92 -19.09 -0.47
N TYR B 79 -6.71 -19.37 -0.01
CA TYR B 79 -6.37 -20.68 0.62
C TYR B 79 -6.17 -20.48 2.10
N ASN B 80 -6.84 -21.29 2.92
CA ASN B 80 -6.83 -21.11 4.35
C ASN B 80 -5.65 -21.79 5.00
N ARG B 81 -5.35 -21.37 6.20
CA ARG B 81 -4.56 -22.17 7.11
C ARG B 81 -5.32 -23.48 7.31
N THR B 82 -4.56 -24.56 7.51
CA THR B 82 -5.15 -25.92 7.63
C THR B 82 -4.81 -26.68 8.90
N ASP B 83 -3.71 -26.36 9.57
CA ASP B 83 -3.28 -27.13 10.76
C ASP B 83 -4.07 -26.80 12.05
N ALA B 84 -4.60 -25.57 12.16
CA ALA B 84 -5.31 -25.10 13.36
C ALA B 84 -6.06 -23.80 13.08
N GLU B 85 -7.06 -23.51 13.92
CA GLU B 85 -7.73 -22.21 13.94
C GLU B 85 -8.29 -21.86 12.58
N THR B 86 -8.79 -22.87 11.86
CA THR B 86 -9.33 -22.69 10.50
C THR B 86 -10.58 -21.85 10.44
N GLN B 87 -11.35 -21.83 11.54
CA GLN B 87 -12.54 -21.00 11.60
C GLN B 87 -12.26 -19.50 11.55
N ARG B 88 -11.00 -19.06 11.77
CA ARG B 88 -10.68 -17.60 11.74
C ARG B 88 -11.01 -16.98 10.37
N LEU B 89 -10.71 -17.70 9.30
CA LEU B 89 -11.02 -17.21 7.97
C LEU B 89 -12.50 -17.49 7.66
N SER B 90 -13.34 -16.58 8.16
CA SER B 90 -14.78 -16.61 7.98
C SER B 90 -15.27 -15.17 8.14
N ASN B 91 -16.46 -14.88 7.67
CA ASN B 91 -17.11 -13.57 7.79
C ASN B 91 -16.18 -12.48 7.33
N PHE B 92 -15.79 -12.56 6.06
CA PHE B 92 -14.81 -11.64 5.51
C PHE B 92 -15.18 -11.13 4.15
N ASP B 93 -14.61 -9.97 3.79
CA ASP B 93 -14.85 -9.38 2.49
C ASP B 93 -13.56 -9.50 1.68
N VAL B 94 -13.73 -9.60 0.39
CA VAL B 94 -12.64 -9.56 -0.57
C VAL B 94 -13.02 -8.40 -1.46
N ILE B 95 -12.16 -7.38 -1.49
CA ILE B 95 -12.47 -6.07 -2.05
C ILE B 95 -11.42 -5.71 -3.10
N LEU B 96 -11.88 -5.18 -4.23
CA LEU B 96 -11.00 -4.75 -5.31
C LEU B 96 -11.00 -3.24 -5.31
N TYR B 97 -9.81 -2.64 -5.41
CA TYR B 97 -9.64 -1.22 -5.47
C TYR B 97 -8.88 -0.82 -6.73
N ASP B 98 -9.24 0.32 -7.30
CA ASP B 98 -8.56 0.89 -8.47
C ASP B 98 -7.32 1.68 -8.05
N ASN B 99 -6.76 2.42 -9.00
CA ASN B 99 -5.50 3.13 -8.76
C ASN B 99 -5.58 4.28 -7.78
N ASN B 100 -6.79 4.76 -7.50
CA ASN B 100 -7.06 5.83 -6.52
C ASN B 100 -7.72 5.28 -5.28
N ARG B 101 -7.65 3.97 -5.12
CA ARG B 101 -8.32 3.26 -4.03
C ARG B 101 -9.83 3.51 -3.90
N ASN B 102 -10.51 3.71 -5.02
CA ASN B 102 -11.94 3.65 -5.04
C ASN B 102 -12.26 2.15 -5.03
N GLU B 103 -13.27 1.78 -4.25
CA GLU B 103 -13.80 0.41 -4.28
C GLU B 103 -14.54 0.11 -5.60
N VAL B 104 -14.07 -0.89 -6.33
CA VAL B 104 -14.66 -1.24 -7.60
C VAL B 104 -15.47 -2.52 -7.56
N ALA B 105 -15.24 -3.33 -6.55
CA ALA B 105 -16.02 -4.56 -6.37
C ALA B 105 -15.77 -5.13 -5.02
N LYS B 106 -16.76 -5.90 -4.53
CA LYS B 106 -16.67 -6.52 -3.22
C LYS B 106 -17.50 -7.79 -3.20
N LYS B 107 -16.95 -8.84 -2.60
CA LYS B 107 -17.70 -10.08 -2.32
C LYS B 107 -17.52 -10.47 -0.91
N HIS B 108 -18.58 -11.01 -0.30
CA HIS B 108 -18.50 -11.42 1.08
C HIS B 108 -18.56 -12.94 1.15
N VAL B 109 -17.73 -13.50 2.03
CA VAL B 109 -17.72 -14.92 2.33
C VAL B 109 -18.09 -15.15 3.80
N ASN B 110 -19.11 -15.98 4.03
CA ASN B 110 -19.46 -16.38 5.39
C ASN B 110 -18.48 -17.42 5.88
N ASN B 111 -18.52 -18.61 5.33
CA ASN B 111 -17.69 -19.72 5.79
C ASN B 111 -17.13 -20.41 4.58
N LEU B 112 -15.94 -20.95 4.71
CA LEU B 112 -15.41 -21.86 3.69
C LEU B 112 -16.02 -23.25 3.93
N SER B 113 -16.36 -23.95 2.86
CA SER B 113 -16.73 -25.35 3.06
C SER B 113 -15.50 -26.31 2.99
N GLY B 114 -14.56 -26.01 2.10
CA GLY B 114 -13.27 -26.69 2.09
C GLY B 114 -12.05 -25.86 2.53
N GLU B 115 -10.90 -26.15 1.95
CA GLU B 115 -9.64 -25.55 2.38
C GLU B 115 -9.35 -24.22 1.64
N SER B 116 -10.18 -23.91 0.69
CA SER B 116 -10.12 -22.69 -0.08
C SER B 116 -11.50 -22.27 -0.61
N VAL B 117 -11.56 -21.02 -1.05
CA VAL B 117 -12.73 -20.50 -1.75
C VAL B 117 -12.26 -19.80 -2.99
N SER B 118 -13.01 -19.98 -4.07
CA SER B 118 -12.72 -19.29 -5.30
CA SER B 118 -12.76 -19.33 -5.35
C SER B 118 -13.87 -18.30 -5.63
N LEU B 119 -13.50 -17.08 -6.00
CA LEU B 119 -14.41 -15.99 -6.33
C LEU B 119 -14.09 -15.53 -7.73
N ASP B 120 -15.10 -15.12 -8.47
CA ASP B 120 -14.93 -14.67 -9.86
C ASP B 120 -15.41 -13.26 -10.03
N PHE B 121 -14.44 -12.35 -10.20
CA PHE B 121 -14.73 -10.95 -10.38
C PHE B 121 -14.94 -10.52 -11.82
N LYS B 122 -14.94 -11.47 -12.74
CA LYS B 122 -15.45 -11.25 -14.08
C LYS B 122 -14.70 -10.17 -14.86
N GLU B 123 -13.39 -10.12 -14.65
CA GLU B 123 -12.46 -9.24 -15.37
C GLU B 123 -12.61 -7.75 -15.01
N LYS B 124 -13.05 -7.47 -13.79
CA LYS B 124 -13.10 -6.13 -13.26
C LYS B 124 -11.70 -5.53 -13.18
N GLY B 125 -11.56 -4.29 -13.64
CA GLY B 125 -10.30 -3.56 -13.59
C GLY B 125 -10.01 -3.13 -12.19
N ALA B 126 -8.88 -3.58 -11.63
CA ALA B 126 -8.43 -3.21 -10.28
C ALA B 126 -6.89 -3.33 -10.19
N ARG B 127 -6.32 -2.63 -9.19
CA ARG B 127 -4.88 -2.75 -8.84
C ARG B 127 -4.67 -3.53 -7.58
N TYR B 128 -5.60 -3.42 -6.61
CA TYR B 128 -5.41 -3.99 -5.29
C TYR B 128 -6.53 -4.94 -4.94
N ILE B 129 -6.16 -6.05 -4.31
CA ILE B 129 -7.14 -6.99 -3.76
C ILE B 129 -6.88 -7.12 -2.28
N LYS B 130 -7.92 -6.83 -1.48
CA LYS B 130 -7.82 -6.85 -0.01
C LYS B 130 -8.75 -7.89 0.58
N VAL B 131 -8.24 -8.66 1.53
CA VAL B 131 -8.99 -9.63 2.28
C VAL B 131 -9.14 -9.01 3.67
N LYS B 132 -10.38 -8.73 4.06
CA LYS B 132 -10.68 -8.07 5.31
C LYS B 132 -11.63 -8.89 6.19
N LEU B 133 -11.18 -9.24 7.40
CA LEU B 133 -12.07 -9.87 8.37
C LEU B 133 -13.04 -8.81 8.87
N LEU B 134 -14.32 -9.19 8.99
CA LEU B 134 -15.35 -8.27 9.50
C LEU B 134 -15.60 -8.39 11.03
N THR B 135 -15.14 -9.48 11.63
CA THR B 135 -15.06 -9.59 13.09
C THR B 135 -13.71 -9.19 13.61
N SER B 136 -13.69 -8.15 14.43
CA SER B 136 -12.48 -7.66 14.98
C SER B 136 -11.96 -8.59 16.05
N GLY B 137 -10.66 -8.46 16.30
CA GLY B 137 -9.98 -9.20 17.34
C GLY B 137 -9.69 -10.64 17.02
N VAL B 138 -9.65 -10.96 15.70
CA VAL B 138 -9.34 -12.28 15.18
C VAL B 138 -8.16 -12.12 14.22
N PRO B 139 -7.08 -12.85 14.47
CA PRO B 139 -5.94 -12.82 13.53
C PRO B 139 -6.31 -13.35 12.13
N LEU B 140 -5.67 -12.77 11.12
CA LEU B 140 -5.82 -13.21 9.76
C LEU B 140 -4.59 -13.99 9.32
N SER B 141 -4.83 -15.25 8.95
CA SER B 141 -3.81 -16.13 8.33
C SER B 141 -4.37 -16.68 7.00
N LEU B 142 -3.56 -16.53 5.95
CA LEU B 142 -3.85 -16.97 4.62
C LEU B 142 -2.64 -17.81 4.15
N ALA B 143 -2.90 -19.03 3.68
CA ALA B 143 -1.87 -19.85 3.07
C ALA B 143 -1.38 -19.28 1.75
N GLU B 144 -2.29 -18.69 0.99
CA GLU B 144 -2.00 -18.22 -0.38
C GLU B 144 -3.22 -17.51 -0.95
N VAL B 145 -2.97 -16.51 -1.78
CA VAL B 145 -3.99 -15.80 -2.56
C VAL B 145 -3.50 -15.81 -3.99
N GLU B 146 -4.24 -16.48 -4.85
CA GLU B 146 -3.92 -16.54 -6.29
C GLU B 146 -4.93 -15.72 -7.08
N VAL B 147 -4.44 -14.96 -8.05
CA VAL B 147 -5.26 -14.07 -8.86
C VAL B 147 -4.99 -14.32 -10.34
N PHE B 148 -6.07 -14.53 -11.09
CA PHE B 148 -6.00 -14.82 -12.52
C PHE B 148 -6.80 -13.74 -13.29
N ARG B 149 -6.49 -13.49 -14.57
CA ARG B 149 -7.09 -12.43 -15.37
C ARG B 149 -8.44 -12.73 -15.95
N GLU B 150 -8.78 -14.03 -15.88
CA GLU B 150 -10.08 -14.55 -16.29
C GLU B 150 -10.48 -15.71 -15.36
N SER B 151 -11.59 -16.23 -15.59
#